data_7VCL
#
_entry.id   7VCL
#
_cell.length_a   64.474
_cell.length_b   78.040
_cell.length_c   105.845
_cell.angle_alpha   90.000
_cell.angle_beta   90.000
_cell.angle_gamma   90.000
#
_symmetry.space_group_name_H-M   'I 2 2 2'
#
loop_
_entity.id
_entity.type
_entity.pdbx_description
1 polymer 'histone H2A-H2B'
2 polymer 'Tegument protein BKRF4'
#
loop_
_entity_poly.entity_id
_entity_poly.type
_entity_poly.pdbx_seq_one_letter_code
_entity_poly.pdbx_strand_id
1 'polypeptide(L)'
;KKRKRSRKESYSIYVYKVLKQVHPDTGISSKAMGIMNSFVNDIFERIAGEASRLAHYNKRSTITSREIQTAVRLLLPGEL
AKHAVSEGTKAVTKYTSAKKAKTRSSRAGLQFPVGRVHRLLRKGNYSERVGAGAPVYLAAVLEYLTAEILELAGNAARDN
KKTRIIPRHLQLAIRNDEELNKLLGRVTIAQGGVLPNIQ
;
A
2 'polypeptide(L)' GLPGSDTDESDYSDEDEEIDLEEEYPSDEDPSEGSDSDPSWHPSDSDESDYSESDEDEATPGSQASRSSR B
#
# COMPACT_ATOMS: atom_id res chain seq x y z
N SER A 6 -16.62 11.40 0.49
CA SER A 6 -15.44 12.05 1.05
C SER A 6 -14.21 11.85 0.17
N ARG A 7 -13.04 12.09 0.74
CA ARG A 7 -11.78 12.04 0.02
C ARG A 7 -10.97 10.81 0.43
N LYS A 8 -10.20 10.28 -0.52
CA LYS A 8 -9.32 9.16 -0.29
C LYS A 8 -7.88 9.66 -0.14
N GLU A 9 -6.96 8.72 0.09
CA GLU A 9 -5.59 9.12 0.39
C GLU A 9 -4.88 9.59 -0.88
N SER A 10 -3.79 10.32 -0.67
CA SER A 10 -2.96 10.84 -1.76
C SER A 10 -1.71 9.97 -1.88
N TYR A 11 -1.61 9.23 -2.98
CA TYR A 11 -0.40 8.50 -3.36
C TYR A 11 0.47 9.30 -4.31
N SER A 12 0.13 10.57 -4.57
CA SER A 12 0.72 11.32 -5.68
C SER A 12 2.25 11.29 -5.67
N ILE A 13 2.87 11.45 -4.50
CA ILE A 13 4.33 11.51 -4.45
C ILE A 13 4.94 10.17 -4.85
N TYR A 14 4.28 9.06 -4.55
CA TYR A 14 4.81 7.75 -4.90
C TYR A 14 4.62 7.44 -6.38
N VAL A 15 3.46 7.82 -6.93
CA VAL A 15 3.28 7.81 -8.38
C VAL A 15 4.39 8.62 -9.05
N TYR A 16 4.78 9.73 -8.43
CA TYR A 16 5.82 10.56 -9.02
C TYR A 16 7.19 9.89 -8.95
N LYS A 17 7.51 9.26 -7.82
CA LYS A 17 8.79 8.56 -7.72
C LYS A 17 8.88 7.43 -8.75
N VAL A 18 7.86 6.58 -8.79
CA VAL A 18 7.82 5.49 -9.76
C VAL A 18 7.92 6.04 -11.18
N LEU A 19 7.21 7.14 -11.46
CA LEU A 19 7.32 7.79 -12.76
C LEU A 19 8.76 8.18 -13.06
N LYS A 20 9.44 8.81 -12.10
CA LYS A 20 10.82 9.22 -12.30
C LYS A 20 11.75 8.02 -12.47
N GLN A 21 11.35 6.83 -12.03
CA GLN A 21 12.17 5.65 -12.32
C GLN A 21 11.90 5.12 -13.72
N VAL A 22 10.64 5.07 -14.15
CA VAL A 22 10.33 4.47 -15.46
C VAL A 22 10.69 5.44 -16.59
N HIS A 23 10.29 6.71 -16.46
CA HIS A 23 10.59 7.73 -17.46
C HIS A 23 11.04 9.01 -16.76
N PRO A 24 12.34 9.10 -16.44
CA PRO A 24 12.80 10.18 -15.54
C PRO A 24 12.58 11.58 -16.07
N ASP A 25 12.89 11.84 -17.35
CA ASP A 25 12.73 13.17 -17.91
C ASP A 25 11.31 13.47 -18.36
N THR A 26 10.40 12.51 -18.24
CA THR A 26 9.00 12.73 -18.60
C THR A 26 8.24 13.26 -17.38
N GLY A 27 7.49 14.34 -17.58
CA GLY A 27 6.65 14.89 -16.54
C GLY A 27 5.26 14.29 -16.54
N ILE A 28 4.44 14.78 -15.62
CA ILE A 28 3.04 14.38 -15.54
C ILE A 28 2.22 15.62 -15.24
N SER A 29 1.02 15.70 -15.80
CA SER A 29 0.15 16.82 -15.54
C SER A 29 -0.56 16.62 -14.21
N SER A 30 -1.33 17.62 -13.80
CA SER A 30 -2.04 17.54 -12.53
C SER A 30 -3.25 16.62 -12.65
N LYS A 31 -4.04 16.79 -13.71
CA LYS A 31 -5.19 15.93 -13.92
C LYS A 31 -4.76 14.47 -14.04
N ALA A 32 -3.73 14.20 -14.85
CA ALA A 32 -3.23 12.84 -15.01
C ALA A 32 -2.80 12.24 -13.68
N MET A 33 -2.14 13.04 -12.83
CA MET A 33 -1.77 12.56 -11.50
C MET A 33 -3.02 12.23 -10.69
N GLY A 34 -4.07 13.05 -10.81
CA GLY A 34 -5.34 12.72 -10.19
C GLY A 34 -5.88 11.38 -10.64
N ILE A 35 -5.80 11.11 -11.95
CA ILE A 35 -6.24 9.82 -12.47
C ILE A 35 -5.44 8.69 -11.83
N MET A 36 -4.11 8.83 -11.84
CA MET A 36 -3.26 7.78 -11.29
C MET A 36 -3.60 7.51 -9.84
N ASN A 37 -3.74 8.57 -9.04
CA ASN A 37 -4.11 8.41 -7.64
C ASN A 37 -5.46 7.71 -7.49
N SER A 38 -6.42 8.05 -8.36
CA SER A 38 -7.71 7.39 -8.33
C SER A 38 -7.58 5.90 -8.62
N PHE A 39 -6.74 5.54 -9.59
CA PHE A 39 -6.47 4.12 -9.85
C PHE A 39 -5.90 3.44 -8.61
N VAL A 40 -4.78 3.96 -8.09
CA VAL A 40 -4.12 3.33 -6.95
C VAL A 40 -5.11 3.13 -5.81
N ASN A 41 -5.96 4.13 -5.56
CA ASN A 41 -6.97 3.98 -4.52
C ASN A 41 -7.96 2.85 -4.87
N ASP A 42 -8.51 2.89 -6.08
CA ASP A 42 -9.50 1.87 -6.47
C ASP A 42 -8.94 0.46 -6.32
N ILE A 43 -7.69 0.25 -6.75
CA ILE A 43 -7.09 -1.07 -6.59
C ILE A 43 -6.85 -1.38 -5.12
N PHE A 44 -6.51 -0.37 -4.31
CA PHE A 44 -6.35 -0.62 -2.88
C PHE A 44 -7.66 -1.08 -2.24
N GLU A 45 -8.77 -0.45 -2.62
CA GLU A 45 -10.05 -0.85 -2.06
C GLU A 45 -10.50 -2.20 -2.59
N ARG A 46 -10.15 -2.53 -3.83
CA ARG A 46 -10.53 -3.83 -4.39
C ARG A 46 -9.73 -4.97 -3.75
N ILE A 47 -8.40 -4.86 -3.74
CA ILE A 47 -7.59 -5.91 -3.14
C ILE A 47 -7.81 -5.98 -1.63
N ALA A 48 -7.88 -4.83 -0.96
CA ALA A 48 -8.13 -4.83 0.48
C ALA A 48 -9.52 -5.37 0.79
N GLY A 49 -10.49 -5.07 -0.06
CA GLY A 49 -11.83 -5.56 0.16
C GLY A 49 -11.93 -7.07 -0.01
N GLU A 50 -11.46 -7.58 -1.14
CA GLU A 50 -11.50 -9.02 -1.37
C GLU A 50 -10.67 -9.77 -0.33
N ALA A 51 -9.50 -9.24 0.02
CA ALA A 51 -8.69 -9.86 1.06
C ALA A 51 -9.41 -9.84 2.40
N SER A 52 -10.18 -8.78 2.66
CA SER A 52 -10.96 -8.71 3.89
C SER A 52 -12.05 -9.78 3.91
N ARG A 53 -12.76 -9.95 2.79
CA ARG A 53 -13.74 -11.03 2.69
C ARG A 53 -13.08 -12.38 2.95
N LEU A 54 -11.93 -12.61 2.33
CA LEU A 54 -11.22 -13.87 2.54
C LEU A 54 -10.84 -14.06 4.01
N ALA A 55 -10.45 -12.98 4.68
CA ALA A 55 -10.05 -13.07 6.08
C ALA A 55 -11.24 -13.41 6.97
N HIS A 56 -12.35 -12.68 6.82
CA HIS A 56 -13.51 -12.95 7.65
C HIS A 56 -14.12 -14.31 7.35
N TYR A 57 -13.97 -14.81 6.13
CA TYR A 57 -14.58 -16.09 5.78
C TYR A 57 -13.88 -17.26 6.47
N ASN A 58 -12.56 -17.37 6.32
CA ASN A 58 -11.79 -18.46 6.89
C ASN A 58 -10.84 -17.90 7.94
N LYS A 59 -11.10 -18.21 9.21
CA LYS A 59 -10.34 -17.70 10.34
C LYS A 59 -9.49 -18.82 10.91
N ARG A 60 -8.21 -18.52 11.16
CA ARG A 60 -7.27 -19.50 11.68
C ARG A 60 -6.87 -19.15 13.11
N SER A 61 -6.64 -20.20 13.90
CA SER A 61 -6.26 -20.01 15.30
C SER A 61 -4.82 -19.53 15.40
N THR A 62 -4.61 -18.50 16.21
CA THR A 62 -3.31 -17.83 16.30
C THR A 62 -2.97 -17.53 17.75
N ILE A 63 -1.78 -17.93 18.17
CA ILE A 63 -1.23 -17.55 19.46
C ILE A 63 -0.50 -16.23 19.31
N THR A 64 -0.81 -15.28 20.17
CA THR A 64 -0.17 -13.97 20.21
C THR A 64 0.15 -13.64 21.67
N SER A 65 0.94 -12.58 21.86
CA SER A 65 1.29 -12.14 23.21
C SER A 65 0.07 -11.92 24.09
N ARG A 66 -1.07 -11.60 23.48
CA ARG A 66 -2.30 -11.39 24.25
C ARG A 66 -2.72 -12.67 24.98
N GLU A 67 -2.88 -13.76 24.23
CA GLU A 67 -3.33 -15.02 24.83
C GLU A 67 -2.29 -15.61 25.78
N ILE A 68 -1.00 -15.43 25.48
CA ILE A 68 0.03 -15.88 26.40
C ILE A 68 -0.07 -15.11 27.72
N GLN A 69 -0.23 -13.79 27.64
CA GLN A 69 -0.36 -12.98 28.84
C GLN A 69 -1.58 -13.40 29.65
N THR A 70 -2.73 -13.57 28.98
CA THR A 70 -3.94 -13.94 29.71
C THR A 70 -3.79 -15.31 30.36
N ALA A 71 -3.24 -16.28 29.62
CA ALA A 71 -3.01 -17.60 30.18
C ALA A 71 -2.11 -17.53 31.41
N VAL A 72 -1.02 -16.75 31.32
CA VAL A 72 -0.15 -16.57 32.49
C VAL A 72 -0.93 -15.98 33.66
N ARG A 73 -1.77 -14.98 33.39
CA ARG A 73 -2.56 -14.40 34.46
C ARG A 73 -3.53 -15.40 35.06
N LEU A 74 -3.96 -16.40 34.29
CA LEU A 74 -4.82 -17.45 34.84
C LEU A 74 -4.02 -18.40 35.72
N LEU A 75 -2.90 -18.92 35.21
CA LEU A 75 -2.25 -20.05 35.85
C LEU A 75 -1.42 -19.64 37.07
N LEU A 76 -0.73 -18.53 37.00
CA LEU A 76 0.21 -18.27 38.07
C LEU A 76 -0.44 -17.52 39.22
N PRO A 77 -0.04 -17.81 40.47
CA PRO A 77 -0.54 -17.03 41.62
C PRO A 77 -0.13 -15.56 41.54
N GLY A 78 -0.55 -14.76 42.53
CA GLY A 78 -0.59 -13.31 42.34
C GLY A 78 0.69 -12.56 42.09
N GLU A 79 1.65 -12.61 43.02
CA GLU A 79 2.89 -11.85 42.83
C GLU A 79 3.72 -12.44 41.70
N LEU A 80 3.76 -13.78 41.62
CA LEU A 80 4.32 -14.47 40.47
C LEU A 80 3.76 -13.90 39.17
N ALA A 81 2.45 -14.00 38.97
CA ALA A 81 1.84 -13.50 37.74
C ALA A 81 2.17 -12.03 37.50
N LYS A 82 2.21 -11.21 38.54
CA LYS A 82 2.58 -9.81 38.37
C LYS A 82 3.97 -9.69 37.75
N HIS A 83 4.98 -10.28 38.38
CA HIS A 83 6.35 -10.13 37.88
C HIS A 83 6.56 -10.83 36.55
N ALA A 84 5.86 -11.94 36.31
CA ALA A 84 6.00 -12.65 35.04
C ALA A 84 5.38 -11.86 33.90
N VAL A 85 4.20 -11.28 34.13
CA VAL A 85 3.63 -10.36 33.15
C VAL A 85 4.58 -9.20 32.90
N SER A 86 5.21 -8.69 33.98
CA SER A 86 6.21 -7.64 33.84
C SER A 86 7.32 -8.06 32.88
N GLU A 87 8.05 -9.12 33.23
CA GLU A 87 9.19 -9.55 32.41
C GLU A 87 8.77 -9.86 30.99
N GLY A 88 7.58 -10.44 30.80
CA GLY A 88 7.10 -10.68 29.45
C GLY A 88 6.94 -9.40 28.66
N THR A 89 6.31 -8.40 29.27
CA THR A 89 6.10 -7.13 28.58
C THR A 89 7.41 -6.42 28.29
N LYS A 90 8.32 -6.41 29.27
CA LYS A 90 9.66 -5.88 29.02
C LYS A 90 10.31 -6.57 27.83
N ALA A 91 10.15 -7.90 27.75
CA ALA A 91 10.79 -8.65 26.68
C ALA A 91 10.21 -8.30 25.32
N VAL A 92 8.88 -8.13 25.24
CA VAL A 92 8.29 -7.86 23.93
C VAL A 92 8.56 -6.42 23.50
N THR A 93 8.50 -5.47 24.43
CA THR A 93 8.81 -4.08 24.05
C THR A 93 10.27 -3.93 23.67
N LYS A 94 11.17 -4.59 24.39
CA LYS A 94 12.57 -4.64 23.95
C LYS A 94 12.70 -5.31 22.59
N TYR A 95 11.85 -6.29 22.32
CA TYR A 95 11.85 -6.96 21.01
C TYR A 95 11.34 -6.06 19.91
N THR A 96 10.54 -5.04 20.24
CA THR A 96 9.97 -4.14 19.24
C THR A 96 10.85 -2.92 19.01
N SER A 97 11.07 -2.12 20.06
CA SER A 97 11.78 -0.85 19.93
C SER A 97 13.12 -0.99 19.23
N ALA A 98 13.79 -2.12 19.40
CA ALA A 98 15.10 -2.34 18.79
C ALA A 98 15.01 -2.30 17.27
N THR A 103 12.21 2.59 7.00
CA THR A 103 13.15 1.65 6.40
C THR A 103 12.39 0.48 5.78
N ARG A 104 11.12 0.33 6.19
CA ARG A 104 10.33 -0.83 5.79
C ARG A 104 10.20 -0.91 4.27
N SER A 105 9.80 0.19 3.63
CA SER A 105 9.69 0.21 2.18
C SER A 105 11.05 0.00 1.52
N SER A 106 12.07 0.69 2.01
CA SER A 106 13.42 0.51 1.48
C SER A 106 13.96 -0.87 1.81
N ARG A 107 13.49 -1.48 2.91
CA ARG A 107 13.81 -2.87 3.19
C ARG A 107 13.27 -3.77 2.08
N ALA A 108 11.98 -3.60 1.75
CA ALA A 108 11.43 -4.32 0.60
C ALA A 108 11.90 -3.74 -0.73
N GLY A 109 12.57 -2.59 -0.72
CA GLY A 109 12.96 -1.93 -1.95
C GLY A 109 11.80 -1.29 -2.68
N LEU A 110 10.92 -0.62 -1.95
CA LEU A 110 9.68 -0.10 -2.51
C LEU A 110 9.64 1.42 -2.41
N GLN A 111 9.15 2.07 -3.47
CA GLN A 111 8.82 3.48 -3.39
C GLN A 111 7.53 3.71 -2.60
N PHE A 112 6.62 2.74 -2.63
CA PHE A 112 5.33 2.90 -1.98
C PHE A 112 5.46 2.73 -0.47
N PRO A 113 4.65 3.46 0.29
CA PRO A 113 4.82 3.53 1.75
C PRO A 113 4.25 2.34 2.51
N VAL A 114 5.05 1.28 2.67
CA VAL A 114 4.62 0.11 3.45
C VAL A 114 4.04 0.50 4.79
N GLY A 115 4.58 1.56 5.42
CA GLY A 115 4.00 2.05 6.66
C GLY A 115 2.61 2.64 6.53
N ARG A 116 2.33 3.31 5.42
CA ARG A 116 1.03 3.95 5.22
C ARG A 116 -0.03 2.93 4.80
N VAL A 117 0.34 2.01 3.91
CA VAL A 117 -0.56 0.92 3.54
C VAL A 117 -1.02 0.16 4.77
N HIS A 118 -0.18 0.09 5.81
CA HIS A 118 -0.52 -0.63 7.04
C HIS A 118 -1.58 0.12 7.82
N ARG A 119 -1.25 1.35 8.23
CA ARG A 119 -2.20 2.22 8.92
C ARG A 119 -3.50 2.38 8.15
N LEU A 120 -3.49 2.20 6.83
CA LEU A 120 -4.73 2.21 6.08
C LEU A 120 -5.50 0.90 6.19
N LEU A 121 -4.80 -0.23 6.04
CA LEU A 121 -5.46 -1.53 6.23
C LEU A 121 -6.11 -1.61 7.60
N ARG A 122 -5.47 -1.01 8.61
CA ARG A 122 -6.07 -1.00 9.95
C ARG A 122 -7.18 0.05 10.04
N LYS A 123 -6.99 1.20 9.40
CA LYS A 123 -7.98 2.27 9.44
C LYS A 123 -9.27 1.85 8.75
N GLY A 124 -9.16 1.15 7.63
CA GLY A 124 -10.33 0.76 6.85
C GLY A 124 -11.23 -0.27 7.49
N ASN A 125 -10.87 -0.77 8.68
CA ASN A 125 -11.66 -1.82 9.35
C ASN A 125 -11.84 -3.04 8.45
N TYR A 126 -10.85 -3.31 7.59
CA TYR A 126 -10.92 -4.51 6.76
C TYR A 126 -10.77 -5.77 7.58
N SER A 127 -10.08 -5.69 8.72
CA SER A 127 -9.88 -6.85 9.57
C SER A 127 -9.59 -6.38 10.99
N GLU A 128 -9.74 -7.30 11.94
CA GLU A 128 -9.39 -6.99 13.33
C GLU A 128 -7.88 -6.90 13.50
N ARG A 129 -7.13 -7.77 12.80
CA ARG A 129 -5.68 -7.72 12.81
C ARG A 129 -5.16 -7.66 11.38
N VAL A 130 -3.94 -7.18 11.24
CA VAL A 130 -3.21 -7.19 9.97
C VAL A 130 -1.87 -7.85 10.21
N GLY A 131 -1.47 -8.72 9.30
CA GLY A 131 -0.16 -9.33 9.38
C GLY A 131 0.91 -8.36 8.90
N ALA A 132 2.12 -8.88 8.77
CA ALA A 132 3.19 -8.14 8.12
C ALA A 132 3.52 -8.86 6.81
N GLY A 133 3.98 -8.10 5.83
CA GLY A 133 4.10 -8.60 4.48
C GLY A 133 2.82 -8.45 3.69
N ALA A 134 1.69 -8.27 4.38
CA ALA A 134 0.49 -7.82 3.67
C ALA A 134 0.66 -6.39 3.19
N PRO A 135 1.13 -5.44 3.99
CA PRO A 135 1.44 -4.11 3.41
C PRO A 135 2.61 -4.18 2.44
N VAL A 136 3.52 -5.14 2.62
CA VAL A 136 4.64 -5.28 1.70
C VAL A 136 4.14 -5.86 0.37
N TYR A 137 3.31 -6.90 0.44
CA TYR A 137 2.74 -7.48 -0.77
C TYR A 137 1.88 -6.46 -1.50
N LEU A 138 0.92 -5.85 -0.79
CA LEU A 138 -0.02 -4.94 -1.43
C LEU A 138 0.69 -3.69 -1.94
N ALA A 139 1.63 -3.15 -1.15
CA ALA A 139 2.39 -1.99 -1.61
C ALA A 139 3.22 -2.34 -2.84
N ALA A 140 3.78 -3.55 -2.88
CA ALA A 140 4.52 -3.98 -4.06
C ALA A 140 3.60 -4.10 -5.27
N VAL A 141 2.36 -4.54 -5.06
CA VAL A 141 1.43 -4.70 -6.19
C VAL A 141 1.00 -3.34 -6.71
N LEU A 142 0.65 -2.42 -5.81
CA LEU A 142 0.30 -1.07 -6.23
C LEU A 142 1.48 -0.40 -6.95
N GLU A 143 2.69 -0.63 -6.45
CA GLU A 143 3.87 -0.06 -7.10
C GLU A 143 4.07 -0.66 -8.50
N TYR A 144 3.84 -1.96 -8.65
CA TYR A 144 4.01 -2.58 -9.96
C TYR A 144 2.97 -2.07 -10.95
N LEU A 145 1.70 -2.11 -10.56
CA LEU A 145 0.64 -1.63 -11.45
C LEU A 145 0.88 -0.17 -11.85
N THR A 146 1.22 0.67 -10.86
CA THR A 146 1.57 2.05 -11.16
C THR A 146 2.71 2.12 -12.16
N ALA A 147 3.73 1.28 -11.98
CA ALA A 147 4.89 1.29 -12.86
C ALA A 147 4.50 0.94 -14.29
N GLU A 148 3.64 -0.07 -14.46
CA GLU A 148 3.20 -0.46 -15.79
C GLU A 148 2.42 0.67 -16.45
N ILE A 149 1.43 1.21 -15.73
CA ILE A 149 0.58 2.26 -16.30
C ILE A 149 1.42 3.46 -16.71
N LEU A 150 2.41 3.81 -15.88
CA LEU A 150 3.24 4.97 -16.19
C LEU A 150 4.24 4.69 -17.30
N GLU A 151 4.69 3.44 -17.43
CA GLU A 151 5.60 3.10 -18.52
C GLU A 151 4.88 3.17 -19.85
N LEU A 152 3.69 2.57 -19.93
CA LEU A 152 2.92 2.62 -21.18
C LEU A 152 2.48 4.05 -21.49
N ALA A 153 1.92 4.76 -20.51
CA ALA A 153 1.47 6.13 -20.74
C ALA A 153 2.62 7.07 -21.07
N GLY A 154 3.80 6.80 -20.52
CA GLY A 154 4.95 7.62 -20.84
C GLY A 154 5.47 7.35 -22.24
N ASN A 155 5.51 6.07 -22.65
CA ASN A 155 5.80 5.77 -24.04
C ASN A 155 4.81 6.46 -24.97
N ALA A 156 3.53 6.50 -24.57
CA ALA A 156 2.55 7.25 -25.34
C ALA A 156 2.87 8.74 -25.34
N ALA A 157 3.45 9.24 -24.26
CA ALA A 157 3.84 10.64 -24.20
C ALA A 157 4.99 10.96 -25.14
N ARG A 158 5.93 10.02 -25.33
CA ARG A 158 7.03 10.29 -26.24
C ARG A 158 6.63 10.08 -27.69
N ASP A 159 5.84 9.05 -27.98
CA ASP A 159 5.43 8.81 -29.37
C ASP A 159 4.42 9.85 -29.85
N ASN A 160 3.71 10.51 -28.94
CA ASN A 160 2.97 11.72 -29.27
C ASN A 160 3.85 12.96 -29.17
N LYS A 161 5.14 12.78 -28.86
CA LYS A 161 6.16 13.82 -28.94
C LYS A 161 5.95 14.94 -27.92
N LYS A 162 5.41 14.63 -26.75
CA LYS A 162 5.29 15.62 -25.70
C LYS A 162 6.35 15.38 -24.62
N THR A 163 6.44 16.32 -23.68
CA THR A 163 7.38 16.25 -22.58
C THR A 163 6.75 15.79 -21.26
N ARG A 164 5.44 15.57 -21.24
CA ARG A 164 4.77 15.20 -20.00
C ARG A 164 3.58 14.30 -20.32
N ILE A 165 3.10 13.62 -19.28
CA ILE A 165 1.97 12.72 -19.40
C ILE A 165 0.69 13.49 -19.12
N ILE A 166 -0.30 13.33 -19.99
CA ILE A 166 -1.59 13.98 -19.86
C ILE A 166 -2.64 12.89 -19.76
N PRO A 167 -3.84 13.21 -19.25
CA PRO A 167 -4.87 12.17 -19.09
C PRO A 167 -5.16 11.38 -20.36
N ARG A 168 -5.06 12.03 -21.52
CA ARG A 168 -5.21 11.31 -22.78
C ARG A 168 -4.21 10.16 -22.89
N HIS A 169 -2.95 10.40 -22.50
CA HIS A 169 -1.94 9.36 -22.57
C HIS A 169 -2.33 8.16 -21.69
N LEU A 170 -2.95 8.43 -20.55
CA LEU A 170 -3.46 7.35 -19.71
C LEU A 170 -4.57 6.58 -20.43
N GLN A 171 -5.49 7.31 -21.06
CA GLN A 171 -6.58 6.65 -21.80
C GLN A 171 -6.02 5.77 -22.91
N LEU A 172 -5.04 6.28 -23.66
CA LEU A 172 -4.43 5.53 -24.75
C LEU A 172 -3.75 4.28 -24.22
N ALA A 173 -2.88 4.44 -23.21
CA ALA A 173 -2.10 3.31 -22.71
C ALA A 173 -3.01 2.24 -22.11
N ILE A 174 -4.04 2.64 -21.37
CA ILE A 174 -4.87 1.65 -20.70
C ILE A 174 -5.88 1.03 -21.65
N ARG A 175 -6.35 1.78 -22.65
CA ARG A 175 -7.30 1.22 -23.60
C ARG A 175 -6.65 0.22 -24.55
N ASN A 176 -5.42 0.50 -24.97
CA ASN A 176 -4.73 -0.35 -25.94
C ASN A 176 -3.97 -1.50 -25.31
N ASP A 177 -4.06 -1.67 -23.99
CA ASP A 177 -3.53 -2.83 -23.29
C ASP A 177 -4.70 -3.69 -22.85
N GLU A 178 -4.76 -4.93 -23.36
CA GLU A 178 -5.90 -5.80 -23.09
C GLU A 178 -6.09 -5.99 -21.58
N GLU A 179 -5.02 -6.37 -20.88
CA GLU A 179 -5.17 -6.70 -19.46
C GLU A 179 -5.45 -5.47 -18.62
N LEU A 180 -4.72 -4.37 -18.87
CA LEU A 180 -5.00 -3.14 -18.14
C LEU A 180 -6.39 -2.59 -18.45
N ASN A 181 -6.85 -2.76 -19.69
CA ASN A 181 -8.20 -2.32 -20.04
C ASN A 181 -9.24 -3.15 -19.30
N LYS A 182 -9.01 -4.47 -19.17
CA LYS A 182 -9.92 -5.28 -18.40
C LYS A 182 -9.90 -4.91 -16.92
N LEU A 183 -8.70 -4.61 -16.40
CA LEU A 183 -8.57 -4.28 -14.98
C LEU A 183 -9.26 -2.95 -14.66
N LEU A 184 -8.87 -1.89 -15.34
CA LEU A 184 -9.37 -0.55 -15.05
C LEU A 184 -10.66 -0.22 -15.81
N GLY A 185 -11.21 -1.17 -16.54
CA GLY A 185 -12.55 -1.05 -17.07
C GLY A 185 -13.55 -1.64 -16.11
N ARG A 186 -13.07 -2.52 -15.23
CA ARG A 186 -13.90 -3.12 -14.20
C ARG A 186 -13.37 -2.78 -12.81
N ASP B 38 -4.44 23.09 -17.00
CA ASP B 38 -3.86 21.80 -16.66
C ASP B 38 -2.38 21.94 -16.35
N PRO B 39 -2.05 22.44 -15.16
CA PRO B 39 -0.64 22.62 -14.80
C PRO B 39 0.06 21.28 -14.58
N SER B 40 1.38 21.33 -14.62
CA SER B 40 2.18 20.15 -14.37
C SER B 40 2.31 19.89 -12.87
N TRP B 41 2.40 18.61 -12.52
CA TRP B 41 2.52 18.22 -11.11
C TRP B 41 3.97 18.35 -10.65
N HIS B 42 4.13 18.79 -9.40
CA HIS B 42 5.44 18.90 -8.78
C HIS B 42 5.30 18.61 -7.30
N PRO B 43 6.33 18.07 -6.66
CA PRO B 43 6.26 17.79 -5.23
C PRO B 43 6.13 19.07 -4.41
N SER B 44 5.70 18.90 -3.16
CA SER B 44 5.38 20.03 -2.30
C SER B 44 5.92 19.74 -0.90
N ASP B 45 5.60 20.62 0.04
CA ASP B 45 6.03 20.47 1.41
C ASP B 45 4.83 20.29 2.35
#